data_3BA3
#
_entry.id   3BA3
#
_cell.length_a   137.379
_cell.length_b   137.379
_cell.length_c   137.379
_cell.angle_alpha   90.000
_cell.angle_beta   90.000
_cell.angle_gamma   90.000
#
_symmetry.space_group_name_H-M   'P 43 3 2'
#
loop_
_entity.id
_entity.type
_entity.pdbx_description
1 polymer "Pyridoxamine 5'-phosphate oxidase-like protein"
2 non-polymer 'SULFATE ION'
3 non-polymer 1,2-ETHANEDIOL
4 water water
#
_entity_poly.entity_id   1
_entity_poly.type   'polypeptide(L)'
_entity_poly.pdbx_seq_one_letter_code
;G(MSE)DISLLKQVVQSTNKIALSTAVNNEADVKIVNFVWYEAQPDTLYFSSVKTSPALKVYDQNPDIAFITIPNDGTAG
NPYLRAQHVKLQRSTKT(MSE)TDLLPQYLETVPNYQQVWDAIGSTLVVFELKLTDLFVDAGVGGEKQTLTFN
;
_entity_poly.pdbx_strand_id   A,B
#
loop_
_chem_comp.id
_chem_comp.type
_chem_comp.name
_chem_comp.formula
EDO non-polymer 1,2-ETHANEDIOL 'C2 H6 O2'
SO4 non-polymer 'SULFATE ION' 'O4 S -2'
#
# COMPACT_ATOMS: atom_id res chain seq x y z
N MSE A 2 -0.18 23.57 -17.91
CA MSE A 2 -0.42 23.09 -16.51
C MSE A 2 0.78 23.40 -15.60
O MSE A 2 1.92 23.14 -15.96
CB MSE A 2 -0.70 21.58 -16.52
CG MSE A 2 -1.04 20.95 -15.17
SE MSE A 2 -0.91 19.00 -15.25
CE MSE A 2 -2.67 18.68 -16.08
N ASP A 3 0.50 23.94 -14.42
CA ASP A 3 1.52 24.15 -13.40
C ASP A 3 1.72 22.82 -12.64
N ILE A 4 2.86 22.18 -12.88
CA ILE A 4 3.18 20.89 -12.27
C ILE A 4 4.19 21.04 -11.10
N SER A 5 4.33 22.26 -10.57
CA SER A 5 5.30 22.51 -9.49
C SER A 5 5.00 21.75 -8.19
N LEU A 6 3.73 21.63 -7.82
CA LEU A 6 3.41 20.94 -6.58
C LEU A 6 3.67 19.44 -6.77
N LEU A 7 3.28 18.94 -7.93
CA LEU A 7 3.57 17.57 -8.31
C LEU A 7 5.05 17.28 -8.24
N LYS A 8 5.86 18.15 -8.86
CA LYS A 8 7.32 17.96 -8.85
C LYS A 8 7.78 17.91 -7.40
N GLN A 9 7.24 18.78 -6.57
CA GLN A 9 7.63 18.81 -5.17
C GLN A 9 7.30 17.51 -4.41
N VAL A 10 6.07 17.02 -4.54
CA VAL A 10 5.68 15.82 -3.81
C VAL A 10 6.41 14.58 -4.34
N VAL A 11 6.54 14.50 -5.65
N VAL A 11 6.63 14.48 -5.66
CA VAL A 11 7.00 13.27 -6.24
CA VAL A 11 7.37 13.36 -6.25
C VAL A 11 8.42 13.00 -5.76
C VAL A 11 8.79 13.24 -5.68
N GLN A 12 9.16 14.07 -5.45
N GLN A 12 9.39 14.36 -5.26
CA GLN A 12 10.57 13.99 -4.98
CA GLN A 12 10.76 14.28 -4.81
C GLN A 12 10.81 13.21 -3.67
C GLN A 12 10.94 13.46 -3.54
N SER A 13 9.88 13.31 -2.75
CA SER A 13 10.00 12.65 -1.46
C SER A 13 9.34 11.26 -1.43
N THR A 14 9.12 10.66 -2.60
CA THR A 14 8.62 9.28 -2.64
C THR A 14 9.24 8.54 -3.82
N ASN A 15 9.47 7.24 -3.65
CA ASN A 15 9.93 6.40 -4.76
C ASN A 15 9.11 5.12 -4.94
N LYS A 16 7.90 5.09 -4.31
CA LYS A 16 7.10 3.89 -4.34
C LYS A 16 5.64 4.17 -4.17
N ILE A 17 4.85 3.27 -4.74
CA ILE A 17 3.39 3.30 -4.66
C ILE A 17 2.86 2.00 -4.15
N ALA A 18 1.77 2.09 -3.38
CA ALA A 18 0.88 0.94 -3.17
C ALA A 18 -0.02 0.89 -4.40
N LEU A 19 0.21 -0.13 -5.24
CA LEU A 19 -0.45 -0.29 -6.51
C LEU A 19 -1.57 -1.32 -6.32
N SER A 20 -2.81 -0.87 -6.52
N SER A 20 -2.82 -0.87 -6.37
CA SER A 20 -4.02 -1.66 -6.25
CA SER A 20 -3.94 -1.80 -6.27
C SER A 20 -4.72 -2.01 -7.55
C SER A 20 -4.52 -2.11 -7.63
N THR A 21 -5.12 -3.28 -7.70
CA THR A 21 -5.82 -3.72 -8.91
C THR A 21 -7.16 -4.35 -8.56
N ALA A 22 -8.08 -4.32 -9.53
CA ALA A 22 -9.35 -4.96 -9.45
C ALA A 22 -9.58 -5.68 -10.76
N VAL A 23 -9.73 -6.99 -10.67
CA VAL A 23 -10.05 -7.82 -11.84
C VAL A 23 -11.10 -8.80 -11.38
N ASN A 24 -12.23 -8.89 -12.07
CA ASN A 24 -13.24 -9.85 -11.70
C ASN A 24 -13.65 -9.70 -10.23
N ASN A 25 -13.72 -8.46 -9.77
CA ASN A 25 -14.12 -8.14 -8.42
C ASN A 25 -13.15 -8.65 -7.35
N GLU A 26 -11.93 -8.99 -7.75
CA GLU A 26 -10.87 -9.45 -6.83
C GLU A 26 -9.85 -8.39 -6.65
N ALA A 27 -9.47 -8.13 -5.38
CA ALA A 27 -8.49 -7.19 -5.01
C ALA A 27 -7.07 -7.76 -4.87
N ASP A 28 -6.11 -6.95 -5.25
CA ASP A 28 -4.69 -7.19 -4.95
C ASP A 28 -4.01 -5.85 -4.75
N VAL A 29 -2.96 -5.83 -3.94
CA VAL A 29 -2.14 -4.67 -3.73
C VAL A 29 -0.71 -5.10 -3.50
N LYS A 30 0.21 -4.35 -4.05
CA LYS A 30 1.63 -4.57 -3.89
C LYS A 30 2.30 -3.22 -3.92
N ILE A 31 3.43 -3.10 -3.22
CA ILE A 31 4.21 -1.85 -3.24
C ILE A 31 5.33 -2.01 -4.26
N VAL A 32 5.40 -1.11 -5.22
CA VAL A 32 6.43 -1.16 -6.27
C VAL A 32 7.14 0.21 -6.33
N ASN A 33 8.43 0.20 -6.70
CA ASN A 33 9.08 1.47 -6.98
C ASN A 33 8.53 2.08 -8.26
N PHE A 34 8.57 3.41 -8.36
CA PHE A 34 8.20 4.06 -9.61
C PHE A 34 9.19 5.17 -9.91
N VAL A 35 9.23 5.60 -11.17
CA VAL A 35 9.93 6.81 -11.58
C VAL A 35 9.00 7.71 -12.38
N TRP A 36 9.35 8.99 -12.42
CA TRP A 36 8.46 10.01 -13.01
C TRP A 36 9.37 11.07 -13.61
N TYR A 37 8.96 11.59 -14.77
CA TYR A 37 9.68 12.63 -15.49
C TYR A 37 8.78 13.82 -15.81
N GLU A 38 9.30 15.01 -15.53
CA GLU A 38 8.62 16.31 -15.87
C GLU A 38 8.11 16.41 -17.31
N ALA A 39 8.91 15.86 -18.21
CA ALA A 39 8.65 15.89 -19.64
C ALA A 39 7.43 15.06 -20.00
N GLN A 40 7.09 14.07 -19.18
CA GLN A 40 5.89 13.27 -19.41
C GLN A 40 5.05 13.14 -18.12
N PRO A 41 4.46 14.26 -17.68
CA PRO A 41 3.96 14.33 -16.30
C PRO A 41 2.72 13.48 -15.96
N ASP A 42 2.00 13.00 -16.98
CA ASP A 42 0.85 12.14 -16.82
C ASP A 42 1.17 10.67 -16.68
N THR A 43 2.47 10.33 -16.57
CA THR A 43 2.90 8.94 -16.57
C THR A 43 3.84 8.61 -15.39
N LEU A 44 3.53 7.50 -14.73
CA LEU A 44 4.46 6.89 -13.75
C LEU A 44 4.93 5.62 -14.43
N TYR A 45 6.20 5.31 -14.26
CA TYR A 45 6.77 4.08 -14.78
C TYR A 45 7.15 3.16 -13.64
N PHE A 46 6.94 1.85 -13.85
CA PHE A 46 7.44 0.84 -12.93
C PHE A 46 7.83 -0.41 -13.73
N SER A 47 8.49 -1.34 -13.06
CA SER A 47 8.91 -2.58 -13.75
C SER A 47 8.69 -3.79 -12.89
N SER A 48 8.77 -4.96 -13.52
N SER A 48 8.46 -4.90 -13.59
CA SER A 48 8.62 -6.23 -12.83
CA SER A 48 8.14 -6.18 -13.00
C SER A 48 9.43 -7.28 -13.59
C SER A 48 8.90 -7.20 -13.77
N VAL A 49 9.89 -8.34 -12.93
N VAL A 49 9.39 -8.21 -13.05
CA VAL A 49 10.38 -9.48 -13.73
CA VAL A 49 10.01 -9.40 -13.66
C VAL A 49 9.23 -10.07 -14.61
C VAL A 49 9.08 -10.07 -14.67
N LYS A 50 9.61 -10.45 -15.83
CA LYS A 50 8.69 -10.90 -16.87
C LYS A 50 7.87 -12.15 -16.52
N THR A 51 8.40 -13.00 -15.65
CA THR A 51 7.71 -14.24 -15.24
C THR A 51 6.80 -14.08 -13.99
N SER A 52 6.66 -12.85 -13.49
CA SER A 52 5.84 -12.57 -12.33
C SER A 52 4.35 -12.83 -12.60
N PRO A 53 3.63 -13.42 -11.63
CA PRO A 53 2.19 -13.56 -11.81
C PRO A 53 1.44 -12.22 -11.89
N ALA A 54 2.08 -11.13 -11.47
CA ALA A 54 1.47 -9.80 -11.59
C ALA A 54 1.13 -9.51 -13.05
N LEU A 55 1.99 -9.97 -13.98
CA LEU A 55 1.79 -9.68 -15.39
C LEU A 55 0.48 -10.26 -15.88
N LYS A 56 0.11 -11.42 -15.32
CA LYS A 56 -1.14 -12.06 -15.69
C LYS A 56 -2.31 -11.17 -15.28
N VAL A 57 -2.19 -10.51 -14.13
CA VAL A 57 -3.19 -9.54 -13.66
C VAL A 57 -3.19 -8.34 -14.61
N TYR A 58 -2.00 -7.78 -14.88
CA TYR A 58 -1.90 -6.59 -15.75
C TYR A 58 -2.45 -6.83 -17.16
N ASP A 59 -2.34 -8.07 -17.64
CA ASP A 59 -2.87 -8.43 -18.98
C ASP A 59 -4.39 -8.48 -19.06
N GLN A 60 -5.07 -8.42 -17.92
CA GLN A 60 -6.51 -8.46 -17.89
C GLN A 60 -7.16 -7.07 -17.81
N ASN A 61 -6.38 -6.05 -18.12
CA ASN A 61 -6.87 -4.69 -18.14
C ASN A 61 -7.59 -4.40 -16.83
N PRO A 62 -6.89 -4.57 -15.72
CA PRO A 62 -7.54 -4.30 -14.45
C PRO A 62 -7.85 -2.82 -14.26
N ASP A 63 -8.78 -2.50 -13.37
CA ASP A 63 -8.93 -1.14 -12.90
C ASP A 63 -7.78 -0.97 -11.90
N ILE A 64 -7.18 0.23 -11.86
CA ILE A 64 -6.01 0.48 -11.00
C ILE A 64 -6.16 1.75 -10.19
N ALA A 65 -5.73 1.67 -8.94
CA ALA A 65 -5.65 2.84 -8.05
C ALA A 65 -4.29 2.77 -7.37
N PHE A 66 -3.73 3.91 -7.01
CA PHE A 66 -2.50 3.93 -6.19
C PHE A 66 -2.47 5.08 -5.20
N ILE A 67 -1.55 4.93 -4.24
CA ILE A 67 -1.15 6.02 -3.36
C ILE A 67 0.35 5.88 -3.14
N THR A 68 1.04 7.01 -3.16
CA THR A 68 2.45 6.98 -2.86
C THR A 68 2.73 6.81 -1.37
N ILE A 69 3.93 6.33 -1.04
CA ILE A 69 4.38 6.19 0.35
C ILE A 69 5.62 7.05 0.50
N PRO A 70 5.63 7.97 1.48
CA PRO A 70 6.78 8.86 1.60
C PRO A 70 8.04 8.12 1.97
N ASN A 71 9.16 8.68 1.55
CA ASN A 71 10.46 8.26 2.03
C ASN A 71 10.56 8.38 3.55
N ASP A 72 11.30 7.45 4.16
CA ASP A 72 11.59 7.44 5.59
C ASP A 72 12.15 8.83 5.98
N GLY A 73 11.63 9.44 7.03
CA GLY A 73 12.13 10.74 7.44
C GLY A 73 11.39 11.94 6.86
N THR A 74 10.47 11.72 5.91
CA THR A 74 9.78 12.85 5.29
C THR A 74 8.69 13.38 6.20
N ALA A 75 8.71 14.69 6.36
CA ALA A 75 7.81 15.43 7.24
C ALA A 75 6.44 15.59 6.59
N GLY A 76 5.38 15.28 7.36
CA GLY A 76 4.02 15.83 7.11
C GLY A 76 3.10 15.01 6.24
N ASN A 77 3.49 13.76 5.92
CA ASN A 77 2.67 12.82 5.17
C ASN A 77 2.16 13.37 3.79
N PRO A 78 3.08 13.82 2.96
CA PRO A 78 2.66 14.15 1.59
C PRO A 78 2.31 12.87 0.80
N TYR A 79 1.53 13.02 -0.26
CA TYR A 79 1.22 11.85 -1.12
C TYR A 79 0.57 12.30 -2.42
N LEU A 80 0.67 11.40 -3.40
CA LEU A 80 -0.14 11.43 -4.59
C LEU A 80 -1.11 10.27 -4.55
N ARG A 81 -2.28 10.47 -5.16
CA ARG A 81 -3.34 9.45 -5.11
C ARG A 81 -4.05 9.50 -6.45
N ALA A 82 -4.37 8.35 -7.05
CA ALA A 82 -5.12 8.30 -8.28
C ALA A 82 -5.99 7.06 -8.33
N GLN A 83 -7.14 7.19 -9.00
CA GLN A 83 -8.04 6.12 -9.29
C GLN A 83 -8.27 6.03 -10.80
N HIS A 84 -8.78 4.87 -11.26
CA HIS A 84 -9.08 4.65 -12.66
C HIS A 84 -7.90 4.91 -13.57
N VAL A 85 -6.76 4.42 -13.11
CA VAL A 85 -5.50 4.55 -13.79
C VAL A 85 -5.38 3.47 -14.90
N LYS A 86 -4.88 3.88 -16.05
CA LYS A 86 -4.70 3.02 -17.23
C LYS A 86 -3.28 2.46 -17.18
N LEU A 87 -3.15 1.14 -17.31
CA LEU A 87 -1.85 0.46 -17.39
C LEU A 87 -1.61 0.01 -18.85
N GLN A 88 -0.37 0.19 -19.31
CA GLN A 88 0.05 -0.29 -20.62
C GLN A 88 1.53 -0.64 -20.61
N ARG A 89 1.92 -1.54 -21.52
CA ARG A 89 3.34 -1.81 -21.71
C ARG A 89 4.01 -0.58 -22.33
N SER A 90 5.27 -0.38 -22.00
CA SER A 90 6.00 0.77 -22.48
C SER A 90 6.92 0.40 -23.63
N THR A 91 7.21 1.38 -24.47
CA THR A 91 8.34 1.25 -25.39
C THR A 91 9.67 1.64 -24.70
N LYS A 92 9.61 2.23 -23.50
CA LYS A 92 10.83 2.50 -22.76
C LYS A 92 11.36 1.18 -22.19
N THR A 93 12.67 1.07 -22.09
CA THR A 93 13.31 -0.09 -21.47
C THR A 93 13.85 0.34 -20.12
N MSE A 94 14.24 -0.63 -19.33
CA MSE A 94 14.81 -0.31 -18.03
C MSE A 94 16.12 0.47 -18.17
O MSE A 94 16.47 1.25 -17.28
CB MSE A 94 14.95 -1.59 -17.16
CG MSE A 94 13.77 -1.83 -16.24
SE MSE A 94 13.32 -0.43 -15.05
CE MSE A 94 15.05 -0.33 -14.06
N THR A 95 16.89 0.25 -19.23
N THR A 95 16.86 0.25 -19.25
CA THR A 95 18.09 1.01 -19.41
CA THR A 95 18.09 0.98 -19.49
C THR A 95 17.80 2.51 -19.57
C THR A 95 17.82 2.50 -19.62
N ASP A 96 16.66 2.85 -20.20
CA ASP A 96 16.21 4.27 -20.29
C ASP A 96 15.95 4.87 -18.88
N LEU A 97 15.35 4.04 -18.04
CA LEU A 97 14.90 4.46 -16.71
C LEU A 97 15.93 4.30 -15.60
N LEU A 98 16.98 3.50 -15.83
CA LEU A 98 17.91 3.16 -14.79
C LEU A 98 18.54 4.35 -14.08
N PRO A 99 18.95 5.40 -14.83
CA PRO A 99 19.51 6.58 -14.13
C PRO A 99 18.62 7.10 -13.01
N GLN A 100 17.32 7.20 -13.29
CA GLN A 100 16.39 7.76 -12.33
C GLN A 100 16.17 6.76 -11.18
N TYR A 101 16.09 5.46 -11.50
CA TYR A 101 16.08 4.43 -10.44
C TYR A 101 17.30 4.56 -9.50
N LEU A 102 18.49 4.68 -10.09
CA LEU A 102 19.71 4.79 -9.26
C LEU A 102 19.71 6.05 -8.40
N GLU A 103 19.17 7.12 -8.92
N GLU A 103 19.16 7.13 -8.94
CA GLU A 103 19.13 8.39 -8.23
CA GLU A 103 19.15 8.41 -8.26
C GLU A 103 18.20 8.34 -7.03
C GLU A 103 18.11 8.49 -7.14
N THR A 104 17.09 7.63 -7.18
CA THR A 104 15.96 7.76 -6.26
C THR A 104 15.65 6.54 -5.40
N VAL A 105 16.14 5.36 -5.75
CA VAL A 105 15.86 4.12 -5.06
C VAL A 105 17.12 3.54 -4.44
N PRO A 106 17.23 3.63 -3.10
CA PRO A 106 18.47 3.13 -2.49
C PRO A 106 18.78 1.68 -2.84
N ASN A 107 20.05 1.45 -3.15
CA ASN A 107 20.59 0.08 -3.38
C ASN A 107 20.05 -0.62 -4.61
N TYR A 108 19.43 0.15 -5.50
CA TYR A 108 18.87 -0.47 -6.71
C TYR A 108 19.90 -1.11 -7.61
N GLN A 109 21.15 -0.63 -7.60
CA GLN A 109 22.20 -1.22 -8.45
C GLN A 109 22.24 -2.74 -8.24
N GLN A 110 22.09 -3.19 -6.99
CA GLN A 110 22.22 -4.65 -6.74
C GLN A 110 21.00 -5.40 -7.24
N VAL A 111 19.85 -4.74 -7.29
CA VAL A 111 18.63 -5.36 -7.89
C VAL A 111 18.87 -5.47 -9.40
N TRP A 112 19.28 -4.36 -10.02
CA TRP A 112 19.61 -4.34 -11.43
C TRP A 112 20.63 -5.42 -11.82
N ASP A 113 21.71 -5.50 -11.06
CA ASP A 113 22.80 -6.47 -11.35
C ASP A 113 22.31 -7.92 -11.27
N ALA A 114 21.36 -8.17 -10.39
CA ALA A 114 20.80 -9.53 -10.19
C ALA A 114 19.83 -9.94 -11.27
N ILE A 115 18.84 -9.08 -11.56
CA ILE A 115 17.67 -9.46 -12.33
C ILE A 115 17.31 -8.48 -13.48
N GLY A 116 18.16 -7.48 -13.72
CA GLY A 116 17.78 -6.38 -14.65
C GLY A 116 17.33 -6.82 -16.04
N SER A 117 18.01 -7.80 -16.62
CA SER A 117 17.68 -8.22 -17.98
C SER A 117 16.28 -8.81 -18.07
N THR A 118 15.71 -9.23 -16.94
CA THR A 118 14.38 -9.85 -16.95
C THR A 118 13.22 -8.86 -16.73
N LEU A 119 13.52 -7.58 -16.49
CA LEU A 119 12.49 -6.62 -16.17
C LEU A 119 11.75 -6.10 -17.40
N VAL A 120 10.45 -5.93 -17.22
CA VAL A 120 9.50 -5.36 -18.17
C VAL A 120 8.98 -4.06 -17.59
N VAL A 121 9.00 -3.00 -18.41
CA VAL A 121 8.51 -1.68 -18.04
C VAL A 121 7.03 -1.52 -18.38
N PHE A 122 6.30 -0.98 -17.40
CA PHE A 122 4.89 -0.61 -17.52
C PHE A 122 4.72 0.88 -17.27
N GLU A 123 3.73 1.45 -17.94
CA GLU A 123 3.33 2.84 -17.75
C GLU A 123 1.95 2.91 -17.08
N LEU A 124 1.84 3.77 -16.07
CA LEU A 124 0.57 4.10 -15.46
C LEU A 124 0.18 5.45 -16.01
N LYS A 125 -0.92 5.48 -16.78
CA LYS A 125 -1.35 6.68 -17.46
C LYS A 125 -2.47 7.34 -16.66
N LEU A 126 -2.25 8.60 -16.31
CA LEU A 126 -3.15 9.30 -15.34
C LEU A 126 -4.26 10.05 -16.09
N THR A 127 -5.46 10.06 -15.50
CA THR A 127 -6.55 11.00 -15.84
C THR A 127 -6.56 12.12 -14.75
N ASP A 128 -7.16 11.86 -13.61
CA ASP A 128 -7.04 12.81 -12.51
C ASP A 128 -5.96 12.34 -11.54
N LEU A 129 -5.20 13.28 -10.98
CA LEU A 129 -4.23 12.98 -9.91
C LEU A 129 -4.42 13.94 -8.75
N PHE A 130 -4.62 13.39 -7.56
CA PHE A 130 -4.71 14.21 -6.35
C PHE A 130 -3.31 14.33 -5.78
N VAL A 131 -2.95 15.59 -5.51
CA VAL A 131 -1.64 15.94 -4.99
C VAL A 131 -1.80 16.62 -3.64
N ASP A 132 -1.25 16.01 -2.59
CA ASP A 132 -1.37 16.57 -1.23
C ASP A 132 0.04 16.77 -0.70
N ALA A 133 0.43 18.03 -0.60
CA ALA A 133 1.78 18.37 -0.18
C ALA A 133 2.01 18.11 1.32
N GLY A 134 0.98 17.67 2.06
CA GLY A 134 1.03 17.44 3.57
C GLY A 134 0.49 18.53 4.48
N VAL A 135 0.71 18.39 5.83
CA VAL A 135 0.32 19.25 6.87
C VAL A 135 0.70 20.71 6.47
N GLY A 136 -0.26 21.65 6.41
CA GLY A 136 0.02 23.09 6.15
C GLY A 136 0.28 23.37 4.67
N GLY A 137 0.23 22.30 3.90
CA GLY A 137 0.47 22.32 2.45
C GLY A 137 -0.76 22.29 1.55
N GLU A 138 -0.55 22.74 0.32
CA GLU A 138 -1.53 22.76 -0.74
C GLU A 138 -1.98 21.33 -1.14
N LYS A 139 -3.25 21.25 -1.49
CA LYS A 139 -3.82 20.08 -2.10
C LYS A 139 -4.43 20.53 -3.42
N GLN A 140 -4.32 19.69 -4.44
CA GLN A 140 -4.95 20.03 -5.72
C GLN A 140 -5.24 18.76 -6.47
N THR A 141 -6.13 18.85 -7.45
CA THR A 141 -6.30 17.78 -8.43
C THR A 141 -5.86 18.26 -9.80
N LEU A 142 -4.88 17.55 -10.36
CA LEU A 142 -4.45 17.78 -11.75
C LEU A 142 -5.25 16.85 -12.67
N THR A 143 -5.67 17.39 -13.83
CA THR A 143 -6.39 16.61 -14.82
C THR A 143 -5.58 16.69 -16.09
N PHE A 144 -5.18 15.51 -16.58
CA PHE A 144 -4.34 15.41 -17.77
C PHE A 144 -5.15 15.20 -19.08
N MSE B 2 0.78 -24.24 14.81
N MSE B 2 0.65 -23.80 15.35
CA MSE B 2 1.47 -23.22 13.94
CA MSE B 2 1.49 -23.39 14.18
C MSE B 2 2.51 -22.44 14.71
C MSE B 2 2.46 -22.29 14.64
O MSE B 2 2.26 -21.97 15.82
O MSE B 2 2.07 -21.43 15.44
CB MSE B 2 0.49 -22.23 13.36
CB MSE B 2 0.61 -22.90 13.04
CG MSE B 2 1.12 -21.17 12.42
CG MSE B 2 1.34 -22.35 11.82
SE MSE B 2 -0.20 -19.99 11.65
SE MSE B 2 0.12 -21.77 10.40
CE MSE B 2 -1.71 -21.27 11.82
CE MSE B 2 -1.47 -21.39 11.48
N ASP B 3 3.67 -22.30 14.10
CA ASP B 3 4.73 -21.43 14.62
C ASP B 3 4.63 -20.06 13.97
N ILE B 4 4.20 -19.09 14.75
CA ILE B 4 3.98 -17.72 14.24
C ILE B 4 5.17 -16.77 14.57
N SER B 5 6.31 -17.33 14.92
N SER B 5 6.33 -17.35 14.88
CA SER B 5 7.44 -16.49 15.32
CA SER B 5 7.50 -16.57 15.30
C SER B 5 7.84 -15.47 14.24
C SER B 5 8.03 -15.58 14.27
N LEU B 6 7.86 -15.89 12.98
CA LEU B 6 8.28 -14.93 11.91
C LEU B 6 7.23 -13.81 11.76
N LEU B 7 5.96 -14.16 11.82
CA LEU B 7 4.88 -13.19 11.82
C LEU B 7 5.09 -12.18 12.96
N LYS B 8 5.39 -12.70 14.15
CA LYS B 8 5.63 -11.85 15.32
C LYS B 8 6.82 -10.91 15.08
N GLN B 9 7.88 -11.38 14.45
CA GLN B 9 9.06 -10.56 14.14
C GLN B 9 8.66 -9.36 13.26
N VAL B 10 7.86 -9.62 12.25
CA VAL B 10 7.51 -8.60 11.29
C VAL B 10 6.46 -7.65 11.80
N VAL B 11 5.43 -8.17 12.49
CA VAL B 11 4.30 -7.33 12.90
C VAL B 11 4.77 -6.27 13.91
N GLN B 12 5.86 -6.51 14.63
CA GLN B 12 6.38 -5.56 15.63
C GLN B 12 6.79 -4.22 15.02
N SER B 13 7.16 -4.18 13.73
CA SER B 13 7.72 -2.95 13.16
C SER B 13 6.78 -2.31 12.11
N THR B 14 5.48 -2.64 12.23
CA THR B 14 4.47 -1.96 11.44
C THR B 14 3.21 -1.70 12.23
N ASN B 15 2.54 -0.58 11.96
CA ASN B 15 1.25 -0.32 12.57
C ASN B 15 0.22 0.11 11.55
N LYS B 16 0.48 -0.13 10.26
CA LYS B 16 -0.46 0.31 9.22
C LYS B 16 -0.36 -0.55 7.98
N ILE B 17 -1.48 -0.61 7.26
CA ILE B 17 -1.60 -1.34 6.01
C ILE B 17 -2.16 -0.45 4.93
N ALA B 18 -1.74 -0.74 3.69
CA ALA B 18 -2.48 -0.33 2.49
C ALA B 18 -3.54 -1.40 2.28
N LEU B 19 -4.81 -1.03 2.41
CA LEU B 19 -5.96 -1.93 2.39
C LEU B 19 -6.69 -1.65 1.08
N SER B 20 -6.73 -2.66 0.19
CA SER B 20 -7.33 -2.44 -1.12
C SER B 20 -8.59 -3.28 -1.33
N THR B 21 -9.50 -2.71 -2.11
CA THR B 21 -10.81 -3.31 -2.42
C THR B 21 -11.04 -3.33 -3.92
N ALA B 22 -12.03 -4.13 -4.33
CA ALA B 22 -12.36 -4.29 -5.73
C ALA B 22 -13.87 -4.44 -5.95
N VAL B 23 -14.64 -3.81 -5.08
CA VAL B 23 -16.11 -3.89 -5.18
C VAL B 23 -16.57 -3.24 -6.49
N ASN B 24 -17.45 -3.93 -7.23
CA ASN B 24 -17.92 -3.48 -8.54
C ASN B 24 -16.77 -3.24 -9.49
N ASN B 25 -15.70 -4.01 -9.27
CA ASN B 25 -14.52 -3.97 -10.10
C ASN B 25 -13.86 -2.59 -10.14
N GLU B 26 -14.05 -1.84 -9.07
CA GLU B 26 -13.42 -0.53 -8.90
C GLU B 26 -12.27 -0.68 -7.91
N ALA B 27 -11.06 -0.45 -8.38
CA ALA B 27 -9.91 -0.50 -7.49
C ALA B 27 -9.91 0.71 -6.56
N ASP B 28 -9.63 0.48 -5.28
N ASP B 28 -9.67 0.48 -5.28
CA ASP B 28 -9.40 1.56 -4.36
CA ASP B 28 -9.49 1.54 -4.31
C ASP B 28 -8.57 1.11 -3.18
C ASP B 28 -8.44 1.06 -3.31
N VAL B 29 -7.66 1.99 -2.79
CA VAL B 29 -6.67 1.64 -1.76
C VAL B 29 -6.64 2.78 -0.73
N LYS B 30 -6.64 2.44 0.55
CA LYS B 30 -6.54 3.41 1.65
C LYS B 30 -5.50 2.90 2.64
N ILE B 31 -4.85 3.83 3.34
CA ILE B 31 -3.89 3.44 4.38
C ILE B 31 -4.59 3.62 5.73
N VAL B 32 -4.64 2.54 6.51
CA VAL B 32 -5.26 2.54 7.84
C VAL B 32 -4.30 1.92 8.87
N ASN B 33 -4.39 2.40 10.11
CA ASN B 33 -3.67 1.73 11.16
C ASN B 33 -4.37 0.45 11.53
N PHE B 34 -3.62 -0.49 12.08
CA PHE B 34 -4.20 -1.74 12.55
C PHE B 34 -3.54 -2.13 13.84
N VAL B 35 -4.24 -2.99 14.61
CA VAL B 35 -3.65 -3.68 15.75
C VAL B 35 -3.84 -5.21 15.61
N TRP B 36 -2.98 -5.92 16.33
CA TRP B 36 -2.84 -7.37 16.24
C TRP B 36 -2.45 -7.96 17.59
N TYR B 37 -3.01 -9.13 17.91
CA TYR B 37 -2.78 -9.82 19.17
C TYR B 37 -2.41 -11.27 18.89
N GLU B 38 -1.34 -11.69 19.54
CA GLU B 38 -0.76 -13.04 19.30
C GLU B 38 -1.70 -14.20 19.61
N ALA B 39 -2.65 -14.04 20.54
CA ALA B 39 -3.65 -15.08 20.82
C ALA B 39 -4.65 -15.30 19.69
N GLN B 40 -4.78 -14.34 18.78
CA GLN B 40 -5.67 -14.48 17.67
C GLN B 40 -4.87 -14.04 16.44
N PRO B 41 -3.89 -14.87 16.05
CA PRO B 41 -2.89 -14.40 15.10
C PRO B 41 -3.39 -14.24 13.64
N ASP B 42 -4.55 -14.79 13.34
CA ASP B 42 -5.18 -14.72 12.02
C ASP B 42 -6.00 -13.46 11.86
N THR B 43 -6.00 -12.55 12.85
CA THR B 43 -6.93 -11.43 12.79
C THR B 43 -6.21 -10.10 12.93
N LEU B 44 -6.52 -9.14 12.05
CA LEU B 44 -6.04 -7.78 12.22
C LEU B 44 -7.28 -6.93 12.46
N TYR B 45 -7.15 -5.92 13.30
CA TYR B 45 -8.27 -5.06 13.57
C TYR B 45 -7.96 -3.63 13.12
N PHE B 46 -8.96 -2.93 12.59
CA PHE B 46 -8.85 -1.51 12.32
C PHE B 46 -10.17 -0.82 12.62
N SER B 47 -10.19 0.51 12.55
CA SER B 47 -11.48 1.23 12.76
C SER B 47 -11.64 2.34 11.79
N SER B 48 -12.90 2.67 11.50
N SER B 48 -12.90 2.72 11.54
CA SER B 48 -13.26 3.74 10.57
CA SER B 48 -13.29 3.68 10.51
C SER B 48 -14.41 4.57 11.17
C SER B 48 -14.46 4.51 11.07
N VAL B 49 -14.50 5.80 10.71
CA VAL B 49 -15.57 6.71 11.16
C VAL B 49 -16.91 6.28 10.52
N LYS B 50 -17.98 6.27 11.33
N LYS B 50 -17.99 6.23 11.33
CA LYS B 50 -19.22 5.67 10.90
CA LYS B 50 -19.30 5.75 10.90
C LYS B 50 -19.94 6.46 9.78
C LYS B 50 -19.80 6.41 9.64
N THR B 51 -19.52 7.71 9.52
CA THR B 51 -20.00 8.53 8.41
C THR B 51 -19.10 8.56 7.16
N SER B 52 -18.00 7.80 7.19
N SER B 52 -18.00 7.80 7.20
CA SER B 52 -17.04 7.89 6.09
CA SER B 52 -17.03 7.75 6.11
C SER B 52 -17.53 7.09 4.87
C SER B 52 -17.63 7.11 4.85
N PRO B 53 -17.26 7.60 3.67
CA PRO B 53 -17.56 6.86 2.45
C PRO B 53 -16.91 5.46 2.44
N ALA B 54 -15.75 5.31 3.08
CA ALA B 54 -14.93 4.01 3.17
C ALA B 54 -15.74 2.94 3.86
N LEU B 55 -16.13 3.29 5.10
CA LEU B 55 -16.90 2.40 5.98
C LEU B 55 -18.08 1.86 5.16
N LYS B 56 -18.53 2.62 4.20
CA LYS B 56 -19.60 2.14 3.29
C LYS B 56 -19.31 0.97 2.36
N VAL B 57 -18.08 0.89 1.85
CA VAL B 57 -17.63 -0.27 1.08
C VAL B 57 -17.38 -1.45 2.07
N TYR B 58 -16.80 -1.08 3.19
CA TYR B 58 -16.33 -2.06 4.19
C TYR B 58 -17.52 -2.83 4.72
N ASP B 59 -18.67 -2.16 4.87
CA ASP B 59 -19.88 -2.82 5.39
C ASP B 59 -20.58 -3.78 4.44
N GLN B 60 -20.11 -3.90 3.21
N GLN B 60 -20.11 -3.89 3.20
CA GLN B 60 -20.62 -4.95 2.33
CA GLN B 60 -20.56 -4.93 2.30
C GLN B 60 -19.79 -6.24 2.49
C GLN B 60 -19.82 -6.26 2.53
N ASN B 61 -18.92 -6.25 3.50
CA ASN B 61 -18.09 -7.42 3.84
C ASN B 61 -17.36 -8.03 2.66
N PRO B 62 -16.71 -7.19 1.86
CA PRO B 62 -15.97 -7.71 0.75
C PRO B 62 -14.71 -8.49 1.22
N ASP B 63 -14.19 -9.33 0.35
CA ASP B 63 -12.85 -9.82 0.51
C ASP B 63 -11.86 -8.76 -0.01
N ILE B 64 -10.79 -8.58 0.75
CA ILE B 64 -9.85 -7.49 0.54
C ILE B 64 -8.42 -7.97 0.40
N ALA B 65 -7.52 -7.08 -0.05
CA ALA B 65 -6.08 -7.35 -0.06
C ALA B 65 -5.40 -6.29 0.81
N PHE B 66 -4.25 -6.66 1.39
CA PHE B 66 -3.45 -5.66 2.11
C PHE B 66 -1.96 -5.95 2.02
N ILE B 67 -1.19 -4.92 2.32
CA ILE B 67 0.23 -5.01 2.51
C ILE B 67 0.62 -4.03 3.62
N THR B 68 1.47 -4.48 4.52
CA THR B 68 1.94 -3.62 5.57
C THR B 68 2.98 -2.64 5.08
N ILE B 69 3.17 -1.54 5.84
CA ILE B 69 4.18 -0.48 5.57
C ILE B 69 5.03 -0.36 6.83
N PRO B 70 6.35 -0.49 6.73
CA PRO B 70 7.15 -0.40 7.96
C PRO B 70 7.09 0.96 8.65
N ASN B 71 7.24 0.91 9.98
CA ASN B 71 7.40 2.11 10.73
C ASN B 71 8.61 2.94 10.25
N ASP B 72 8.44 4.25 10.36
CA ASP B 72 9.52 5.19 10.06
C ASP B 72 10.70 4.76 10.96
N GLY B 73 11.88 4.70 10.34
CA GLY B 73 13.05 4.18 11.02
C GLY B 73 13.36 2.71 10.89
N THR B 74 12.45 1.95 10.30
CA THR B 74 12.68 0.54 10.14
C THR B 74 13.15 0.33 8.72
N ALA B 75 14.41 -0.08 8.56
CA ALA B 75 14.93 -0.29 7.29
C ALA B 75 14.79 -1.81 7.08
N GLY B 76 15.18 -2.26 5.94
CA GLY B 76 15.18 -3.69 5.67
C GLY B 76 14.01 -4.21 4.84
N ASN B 77 12.96 -3.39 4.68
N ASN B 77 13.01 -3.34 4.60
CA ASN B 77 11.84 -3.78 3.83
CA ASN B 77 11.75 -3.69 3.93
C ASN B 77 11.01 -5.01 4.32
C ASN B 77 11.05 -4.99 4.35
N PRO B 78 10.82 -5.14 5.67
CA PRO B 78 9.96 -6.26 6.08
C PRO B 78 8.51 -5.96 5.73
N TYR B 79 7.70 -6.98 5.51
CA TYR B 79 6.24 -6.74 5.28
C TYR B 79 5.44 -8.04 5.43
N LEU B 80 4.14 -7.84 5.59
CA LEU B 80 3.11 -8.85 5.48
C LEU B 80 2.27 -8.51 4.26
N ARG B 81 1.79 -9.55 3.58
CA ARG B 81 0.92 -9.32 2.39
C ARG B 81 -0.10 -10.42 2.28
N ALA B 82 -1.33 -10.06 1.98
CA ALA B 82 -2.39 -11.03 1.84
C ALA B 82 -3.46 -10.58 0.87
N GLN B 83 -4.10 -11.58 0.22
CA GLN B 83 -5.34 -11.35 -0.55
C GLN B 83 -6.44 -12.30 -0.07
N HIS B 84 -7.66 -12.09 -0.53
CA HIS B 84 -8.81 -12.93 -0.16
C HIS B 84 -9.02 -12.89 1.36
N VAL B 85 -8.79 -11.71 1.93
CA VAL B 85 -8.96 -11.50 3.37
C VAL B 85 -10.40 -11.14 3.66
N LYS B 86 -11.04 -11.93 4.52
N LYS B 86 -11.01 -11.79 4.65
CA LYS B 86 -12.42 -11.66 4.86
CA LYS B 86 -12.41 -11.52 4.95
C LYS B 86 -12.46 -10.43 5.76
C LYS B 86 -12.59 -10.26 5.82
N LEU B 87 -13.50 -9.64 5.57
N LEU B 87 -13.35 -9.26 5.35
CA LEU B 87 -13.67 -8.38 6.26
CA LEU B 87 -13.62 -8.07 6.17
C LEU B 87 -15.06 -8.31 6.78
C LEU B 87 -15.04 -8.12 6.72
N GLN B 88 -15.18 -7.94 8.07
CA GLN B 88 -16.45 -7.86 8.70
C GLN B 88 -16.36 -6.98 9.95
N ARG B 89 -17.51 -6.52 10.44
CA ARG B 89 -17.55 -5.84 11.73
C ARG B 89 -17.11 -6.79 12.84
N SER B 90 -16.43 -6.24 13.84
CA SER B 90 -15.89 -7.00 14.95
C SER B 90 -16.80 -6.95 16.18
N THR B 91 -16.71 -7.98 17.01
CA THR B 91 -17.33 -7.91 18.32
C THR B 91 -16.50 -7.11 19.31
N LYS B 92 -15.25 -6.80 18.94
CA LYS B 92 -14.43 -5.94 19.77
C LYS B 92 -14.86 -4.50 19.62
N THR B 93 -14.74 -3.72 20.69
CA THR B 93 -14.97 -2.30 20.63
C THR B 93 -13.67 -1.53 20.68
N MSE B 94 -13.71 -0.24 20.38
CA MSE B 94 -12.49 0.57 20.52
C MSE B 94 -12.00 0.60 21.99
O MSE B 94 -10.80 0.74 22.21
CB MSE B 94 -12.59 1.95 19.89
CG MSE B 94 -12.37 2.01 18.44
SE MSE B 94 -10.66 1.40 17.84
CE MSE B 94 -9.56 2.68 18.84
N THR B 95 -12.90 0.51 22.95
CA THR B 95 -12.48 0.49 24.34
C THR B 95 -11.58 -0.75 24.58
N ASP B 96 -11.91 -1.87 23.95
CA ASP B 96 -11.11 -3.09 24.10
C ASP B 96 -9.73 -2.87 23.49
N LEU B 97 -9.69 -2.19 22.35
CA LEU B 97 -8.45 -2.10 21.53
C LEU B 97 -7.56 -0.89 21.86
N LEU B 98 -8.13 0.09 22.58
CA LEU B 98 -7.44 1.36 22.74
C LEU B 98 -6.02 1.23 23.36
N PRO B 99 -5.86 0.38 24.40
CA PRO B 99 -4.50 0.28 24.96
C PRO B 99 -3.45 -0.06 23.89
N GLN B 100 -3.76 -1.04 23.01
CA GLN B 100 -2.83 -1.42 21.96
C GLN B 100 -2.66 -0.33 20.90
N TYR B 101 -3.72 0.41 20.57
CA TYR B 101 -3.55 1.57 19.72
C TYR B 101 -2.59 2.58 20.35
N LEU B 102 -2.79 2.91 21.62
CA LEU B 102 -1.97 3.93 22.26
C LEU B 102 -0.52 3.45 22.31
N GLU B 103 -0.30 2.17 22.52
CA GLU B 103 1.07 1.64 22.62
C GLU B 103 1.80 1.71 21.28
N THR B 104 1.06 1.57 20.16
CA THR B 104 1.69 1.31 18.85
C THR B 104 1.51 2.36 17.77
N VAL B 105 0.57 3.29 17.96
CA VAL B 105 0.26 4.30 16.95
C VAL B 105 0.56 5.68 17.49
N PRO B 106 1.62 6.33 16.99
CA PRO B 106 1.98 7.63 17.53
C PRO B 106 0.81 8.63 17.46
N ASN B 107 0.66 9.38 18.56
CA ASN B 107 -0.29 10.47 18.65
C ASN B 107 -1.73 10.04 18.48
N TYR B 108 -2.04 8.78 18.79
CA TYR B 108 -3.41 8.32 18.63
C TYR B 108 -4.36 8.94 19.67
N GLN B 109 -3.83 9.30 20.84
CA GLN B 109 -4.70 9.88 21.87
C GLN B 109 -5.53 11.05 21.35
N GLN B 110 -4.90 11.90 20.56
CA GLN B 110 -5.62 13.06 20.05
C GLN B 110 -6.68 12.66 19.00
N VAL B 111 -6.45 11.59 18.25
CA VAL B 111 -7.45 11.06 17.32
C VAL B 111 -8.65 10.52 18.13
N TRP B 112 -8.36 9.68 19.12
CA TRP B 112 -9.42 9.13 19.97
C TRP B 112 -10.25 10.25 20.63
N ASP B 113 -9.56 11.25 21.15
CA ASP B 113 -10.24 12.33 21.87
C ASP B 113 -11.13 13.12 20.92
N ALA B 114 -10.74 13.27 19.67
CA ALA B 114 -11.50 14.05 18.70
C ALA B 114 -12.70 13.33 18.12
N ILE B 115 -12.52 12.08 17.71
CA ILE B 115 -13.53 11.36 16.93
C ILE B 115 -13.86 9.95 17.44
N GLY B 116 -13.28 9.53 18.58
CA GLY B 116 -13.38 8.15 19.02
C GLY B 116 -14.76 7.56 19.11
N SER B 117 -15.74 8.35 19.59
CA SER B 117 -17.09 7.81 19.70
C SER B 117 -17.74 7.49 18.37
N THR B 118 -17.19 8.00 17.27
CA THR B 118 -17.77 7.78 15.97
C THR B 118 -17.10 6.59 15.23
N LEU B 119 -16.13 5.93 15.87
CA LEU B 119 -15.38 4.85 15.21
C LEU B 119 -16.11 3.52 15.33
N VAL B 120 -16.02 2.72 14.28
CA VAL B 120 -16.56 1.36 14.19
C VAL B 120 -15.37 0.44 13.95
N VAL B 121 -15.30 -0.66 14.67
CA VAL B 121 -14.23 -1.61 14.53
C VAL B 121 -14.55 -2.67 13.50
N PHE B 122 -13.58 -2.94 12.61
CA PHE B 122 -13.66 -4.02 11.66
C PHE B 122 -12.54 -5.01 11.95
N GLU B 123 -12.74 -6.27 11.56
CA GLU B 123 -11.69 -7.26 11.62
C GLU B 123 -11.44 -7.84 10.25
N LEU B 124 -10.18 -8.20 10.07
CA LEU B 124 -9.68 -8.80 8.85
C LEU B 124 -9.25 -10.21 9.22
N LYS B 125 -9.86 -11.20 8.59
CA LYS B 125 -9.60 -12.59 8.89
C LYS B 125 -8.80 -13.25 7.78
N LEU B 126 -7.61 -13.73 8.13
CA LEU B 126 -6.64 -14.27 7.16
C LEU B 126 -6.92 -15.74 6.84
N THR B 127 -6.64 -16.12 5.59
CA THR B 127 -6.47 -17.52 5.21
C THR B 127 -4.97 -17.67 4.92
N ASP B 128 -4.50 -17.27 3.73
CA ASP B 128 -3.07 -17.34 3.43
C ASP B 128 -2.43 -15.97 3.66
N LEU B 129 -1.22 -16.01 4.23
CA LEU B 129 -0.46 -14.77 4.54
C LEU B 129 0.99 -14.97 4.11
N PHE B 130 1.55 -14.02 3.38
CA PHE B 130 2.97 -14.00 3.10
C PHE B 130 3.66 -13.11 4.14
N VAL B 131 4.80 -13.61 4.66
CA VAL B 131 5.56 -12.98 5.70
C VAL B 131 7.03 -12.87 5.24
N ASP B 132 7.52 -11.63 5.26
CA ASP B 132 8.90 -11.36 4.84
C ASP B 132 9.58 -10.47 5.86
N ALA B 133 10.56 -11.04 6.57
CA ALA B 133 11.31 -10.29 7.55
C ALA B 133 12.32 -9.28 6.97
N GLY B 134 12.50 -9.33 5.64
CA GLY B 134 13.33 -8.34 4.96
C GLY B 134 14.79 -8.71 4.98
N VAL B 135 15.61 -7.68 4.84
CA VAL B 135 17.06 -7.82 4.78
C VAL B 135 17.53 -8.59 5.96
N GLY B 136 18.38 -9.58 5.66
CA GLY B 136 18.90 -10.48 6.65
C GLY B 136 17.96 -11.51 7.24
N GLY B 137 16.70 -11.51 6.80
CA GLY B 137 15.65 -12.32 7.44
C GLY B 137 15.06 -13.34 6.50
N GLU B 138 14.12 -14.11 7.05
N GLU B 138 14.14 -14.16 7.01
CA GLU B 138 13.48 -15.19 6.33
CA GLU B 138 13.55 -15.17 6.20
C GLU B 138 12.12 -14.78 5.76
C GLU B 138 12.13 -14.79 5.75
N LYS B 139 11.62 -15.61 4.86
CA LYS B 139 10.32 -15.46 4.26
C LYS B 139 9.56 -16.76 4.37
N GLN B 140 8.24 -16.65 4.42
CA GLN B 140 7.41 -17.87 4.46
C GLN B 140 5.99 -17.51 4.07
N THR B 141 5.17 -18.54 3.90
CA THR B 141 3.72 -18.34 3.90
C THR B 141 3.13 -19.05 5.11
N LEU B 142 2.04 -18.50 5.62
CA LEU B 142 1.26 -19.15 6.67
C LEU B 142 -0.14 -19.35 6.14
N THR B 143 -0.79 -20.45 6.54
CA THR B 143 -2.18 -20.66 6.19
C THR B 143 -2.93 -20.93 7.48
N PHE B 144 -3.94 -20.10 7.75
CA PHE B 144 -4.75 -20.20 8.94
C PHE B 144 -6.06 -20.93 8.64
N ASN B 145 -6.45 -21.77 9.59
CA ASN B 145 -7.70 -22.53 9.53
C ASN B 145 -8.92 -21.62 9.79
S SO4 C . -3.56 19.77 6.49
O1 SO4 C . -3.37 19.17 7.80
O2 SO4 C . -3.33 18.67 5.52
O3 SO4 C . -2.65 20.90 6.27
O4 SO4 C . -4.91 20.34 6.35
S SO4 D . 13.57 3.00 0.60
O1 SO4 D . 13.12 3.19 -0.81
O2 SO4 D . 13.92 4.32 1.22
O3 SO4 D . 14.82 2.15 0.65
O4 SO4 D . 12.44 2.36 1.36
C1 EDO E . 20.33 -10.86 -15.05
O1 EDO E . 18.97 -10.69 -15.42
C2 EDO E . 20.99 -9.52 -14.76
O2 EDO E . 20.69 -8.63 -15.84
C1 EDO F . 9.58 -0.86 -2.72
O1 EDO F . 10.50 -0.98 -1.64
C2 EDO F . 9.21 -2.23 -3.28
O2 EDO F . 10.40 -3.04 -3.41
C1 EDO G . -4.24 23.42 3.53
O1 EDO G . -4.51 24.59 2.71
C2 EDO G . -2.95 23.59 4.32
O2 EDO G . -3.02 24.73 5.22
C1 EDO H . 13.83 8.56 -19.91
O1 EDO H . 13.78 7.76 -21.10
C2 EDO H . 12.40 8.86 -19.50
O2 EDO H . 11.66 9.39 -20.60
C1 EDO I . 19.73 6.81 -3.78
O1 EDO I . 20.67 6.36 -2.80
C2 EDO I . 18.39 7.01 -3.09
O2 EDO I . 17.97 8.36 -3.09
C1 EDO J . -11.13 10.37 -1.09
O1 EDO J . -10.63 9.15 -1.64
C2 EDO J . -12.61 10.55 -1.38
O2 EDO J . -13.46 9.75 -0.51
C1 EDO K . -16.15 12.61 19.98
O1 EDO K . -16.49 11.81 18.84
C2 EDO K . -14.98 11.97 20.74
O2 EDO K . -15.39 10.68 21.27
C1 EDO L . -8.19 -7.01 23.01
O1 EDO L . -9.52 -7.11 23.52
C2 EDO L . -8.05 -8.02 21.91
O2 EDO L . -8.36 -9.33 22.45
C1 EDO M . -1.96 5.94 8.78
O1 EDO M . -1.06 6.74 9.57
C2 EDO M . -3.37 6.21 9.26
O2 EDO M . -3.81 7.48 8.77
C1 EDO N . -7.43 -11.18 21.00
O1 EDO N . -6.84 -12.47 20.74
C2 EDO N . -8.33 -10.79 19.82
O2 EDO N . -7.65 -10.93 18.56
#